data_4DM6
#
_entry.id   4DM6
#
_cell.length_a   58.09
_cell.length_b   84.06
_cell.length_c   102.14
_cell.angle_alpha   90
_cell.angle_beta   90
_cell.angle_gamma   90
#
_symmetry.space_group_name_H-M   'P 21 21 21'
#
loop_
_entity.id
_entity.type
_entity.pdbx_description
1 polymer 'Retinoic acid receptor beta'
2 polymer 'Nuclear receptor coactivator 1'
3 non-polymer '4-[(1E)-2-(5,5,8,8-TETRAMETHYL-5,6,7,8-TETRAHYDRONAPHTHALEN-2-YL)PROP-1-ENYL]BENZOIC ACID'
4 water water
#
loop_
_entity_poly.entity_id
_entity_poly.type
_entity_poly.pdbx_seq_one_letter_code
_entity_poly.pdbx_strand_id
1 'polypeptide(L)'
;MGSSHHHHHHSSGLVPRGSHMESYEMTAELDDLTEKIRKAHQETFPSLCQLGKYTTNSSADHRVRLDLGLWDKFSELATK
CIIKIVEFAKRLPGFTGLTIADQITLLKAACLDILILRICTRYTPEQDTMTFSDGLTLNRTQMHNAGFGPLTDLVFTFAN
QLLPLEMDDTETGLLSAICLICGDRQDLEEPTKVDKLQEPLLEALKIYIRKRRPSKPHMFPKILMKITDLRSISAKGAER
VITLKMEIPGSMPPLIQEMLENSEGHE
;
A,B
2 'polypeptide(L)' CPSSHSSLTERHKILHRLLQEGSPS E,F
#
loop_
_chem_comp.id
_chem_comp.type
_chem_comp.name
_chem_comp.formula
TTB non-polymer '4-[(1E)-2-(5,5,8,8-TETRAMETHYL-5,6,7,8-TETRAHYDRONAPHTHALEN-2-YL)PROP-1-ENYL]BENZOIC ACID' 'C24 H28 O2'
#
# COMPACT_ATOMS: atom_id res chain seq x y z
N GLU A 22 -27.77 16.43 10.32
CA GLU A 22 -27.57 17.05 11.66
C GLU A 22 -28.00 16.10 12.79
N SER A 23 -28.60 14.98 12.42
CA SER A 23 -29.04 13.99 13.40
C SER A 23 -28.29 12.68 13.16
N TYR A 24 -28.03 11.94 14.24
CA TYR A 24 -27.31 10.67 14.15
C TYR A 24 -27.83 9.69 15.19
N GLU A 25 -27.94 8.42 14.81
CA GLU A 25 -28.41 7.41 15.75
C GLU A 25 -27.41 7.33 16.90
N MET A 26 -27.89 6.88 18.06
CA MET A 26 -27.03 6.77 19.25
C MET A 26 -26.08 5.60 19.10
N THR A 27 -24.81 5.82 19.46
CA THR A 27 -23.78 4.79 19.38
C THR A 27 -22.84 4.97 20.55
N ALA A 28 -23.40 4.89 21.76
CA ALA A 28 -22.64 5.06 23.00
C ALA A 28 -21.37 4.23 23.09
N GLU A 29 -21.47 2.93 22.82
CA GLU A 29 -20.31 2.05 22.90
C GLU A 29 -19.16 2.50 21.99
N LEU A 30 -19.48 2.74 20.72
CA LEU A 30 -18.45 3.17 19.78
C LEU A 30 -17.93 4.55 20.19
N ASP A 31 -18.85 5.41 20.63
CA ASP A 31 -18.47 6.75 21.07
C ASP A 31 -17.42 6.61 22.15
N ASP A 32 -17.65 5.69 23.07
CA ASP A 32 -16.72 5.44 24.17
C ASP A 32 -15.38 4.94 23.66
N LEU A 33 -15.42 3.93 22.80
CA LEU A 33 -14.18 3.38 22.23
C LEU A 33 -13.42 4.50 21.53
N THR A 34 -14.17 5.31 20.78
CA THR A 34 -13.61 6.43 20.05
C THR A 34 -12.88 7.37 21.00
N GLU A 35 -13.46 7.59 22.17
CA GLU A 35 -12.85 8.48 23.16
C GLU A 35 -11.55 7.90 23.72
N LYS A 36 -11.53 6.59 23.94
CA LYS A 36 -10.35 5.93 24.46
C LYS A 36 -9.20 5.96 23.45
N ILE A 37 -9.52 5.82 22.17
CA ILE A 37 -8.49 5.82 21.13
C ILE A 37 -7.95 7.23 20.94
N ARG A 38 -8.84 8.21 21.03
CA ARG A 38 -8.43 9.60 20.89
C ARG A 38 -7.41 9.94 21.98
N LYS A 39 -7.71 9.51 23.20
CA LYS A 39 -6.83 9.76 24.33
C LYS A 39 -5.52 9.00 24.22
N ALA A 40 -5.57 7.77 23.72
CA ALA A 40 -4.37 6.96 23.59
C ALA A 40 -3.41 7.62 22.60
N HIS A 41 -3.96 8.19 21.54
CA HIS A 41 -3.14 8.86 20.54
C HIS A 41 -2.54 10.15 21.08
N GLN A 42 -3.39 11.01 21.63
CA GLN A 42 -2.92 12.29 22.16
C GLN A 42 -1.88 12.11 23.26
N GLU A 43 -2.07 11.11 24.11
CA GLU A 43 -1.12 10.86 25.18
C GLU A 43 0.17 10.23 24.69
N THR A 44 0.11 9.55 23.54
CA THR A 44 1.30 8.91 23.00
C THR A 44 1.85 9.63 21.77
N PHE A 45 1.31 10.81 21.49
CA PHE A 45 1.78 11.57 20.34
C PHE A 45 1.27 13.01 20.35
N PRO A 46 2.07 13.93 20.89
CA PRO A 46 1.75 15.35 20.98
C PRO A 46 1.26 15.95 19.67
N SER A 47 0.38 16.95 19.77
CA SER A 47 -0.17 17.61 18.59
C SER A 47 0.80 18.63 18.02
N LEU A 48 0.67 18.90 16.72
CA LEU A 48 1.54 19.85 16.03
C LEU A 48 1.43 21.27 16.58
N CYS A 49 0.21 21.66 16.94
CA CYS A 49 -0.03 23.00 17.48
C CYS A 49 0.52 23.18 18.89
N GLN A 50 0.13 22.29 19.80
CA GLN A 50 0.57 22.37 21.18
C GLN A 50 2.00 21.88 21.40
N LEU A 51 2.95 22.53 20.74
CA LEU A 51 4.36 22.16 20.86
C LEU A 51 5.28 23.24 20.29
N GLY A 52 6.40 23.47 20.96
CA GLY A 52 7.35 24.48 20.50
C GLY A 52 8.32 23.97 19.45
N LYS A 53 8.10 24.38 18.20
CA LYS A 53 8.95 23.98 17.10
C LYS A 53 10.35 24.59 17.20
N TYR A 54 11.34 23.87 16.68
CA TYR A 54 12.71 24.36 16.68
C TYR A 54 13.46 23.77 15.49
N THR A 55 14.41 24.54 14.96
CA THR A 55 15.17 24.09 13.80
C THR A 55 16.65 23.88 14.06
N THR A 56 17.36 23.50 13.00
CA THR A 56 18.80 23.25 13.04
C THR A 56 19.35 23.66 11.67
N ASN A 57 20.52 24.14 11.61
CA ASN A 57 21.14 24.44 10.41
C ASN A 57 21.85 23.34 9.66
N SER A 58 21.76 22.13 10.07
CA SER A 58 22.44 21.05 9.39
C SER A 58 22.02 20.77 7.99
N SER A 59 22.95 20.76 7.13
CA SER A 59 22.74 20.48 5.80
C SER A 59 21.36 20.82 5.23
N ALA A 60 20.96 22.00 5.56
CA ALA A 60 19.70 22.50 5.22
C ALA A 60 19.53 23.06 3.81
N ASP A 61 20.61 23.28 3.14
CA ASP A 61 20.58 23.85 1.78
C ASP A 61 20.56 22.80 0.67
N HIS A 62 21.63 22.02 0.55
CA HIS A 62 21.71 21.00 -0.49
C HIS A 62 21.58 19.59 0.07
N ARG A 63 21.31 18.63 -0.82
CA ARG A 63 21.16 17.25 -0.39
C ARG A 63 22.51 16.53 -0.35
N VAL A 64 22.64 15.64 0.63
CA VAL A 64 23.86 14.84 0.80
C VAL A 64 23.41 13.39 0.92
N ARG A 65 24.33 12.45 0.78
CA ARG A 65 23.97 11.05 0.89
C ARG A 65 23.34 10.78 2.27
N LEU A 66 23.95 11.37 3.30
CA LEU A 66 23.45 11.22 4.67
C LEU A 66 24.19 12.15 5.63
N ASP A 67 23.42 12.92 6.39
CA ASP A 67 23.97 13.83 7.39
C ASP A 67 23.86 13.07 8.72
N LEU A 68 25.00 12.62 9.23
CA LEU A 68 25.04 11.84 10.46
C LEU A 68 24.48 12.55 11.69
N GLY A 69 24.59 13.87 11.73
CA GLY A 69 24.05 14.61 12.86
C GLY A 69 22.53 14.50 12.84
N LEU A 70 21.96 14.71 11.67
CA LEU A 70 20.51 14.61 11.51
C LEU A 70 20.09 13.16 11.75
N TRP A 71 20.84 12.21 11.19
CA TRP A 71 20.52 10.80 11.36
C TRP A 71 20.51 10.44 12.83
N ASP A 72 21.49 10.96 13.57
CA ASP A 72 21.60 10.69 15.00
C ASP A 72 20.30 11.08 15.69
N LYS A 73 19.84 12.30 15.43
CA LYS A 73 18.62 12.81 16.04
C LYS A 73 17.36 12.11 15.50
N PHE A 74 17.34 11.88 14.20
CA PHE A 74 16.19 11.22 13.59
C PHE A 74 15.99 9.78 14.07
N SER A 75 17.09 9.03 14.16
CA SER A 75 17.00 7.64 14.60
C SER A 75 16.67 7.57 16.08
N GLU A 76 17.04 8.61 16.82
CA GLU A 76 16.73 8.67 18.24
C GLU A 76 15.23 8.92 18.37
N LEU A 77 14.73 9.91 17.65
CA LEU A 77 13.30 10.24 17.71
C LEU A 77 12.48 9.07 17.19
N ALA A 78 12.99 8.37 16.19
CA ALA A 78 12.30 7.21 15.63
C ALA A 78 12.19 6.11 16.68
N THR A 79 13.28 5.86 17.40
CA THR A 79 13.28 4.84 18.43
C THR A 79 12.22 5.19 19.48
N LYS A 80 12.21 6.45 19.91
CA LYS A 80 11.27 6.90 20.91
C LYS A 80 9.81 6.81 20.45
N CYS A 81 9.56 7.13 19.19
CA CYS A 81 8.20 7.05 18.69
C CYS A 81 7.73 5.59 18.58
N ILE A 82 8.66 4.68 18.31
CA ILE A 82 8.31 3.26 18.23
C ILE A 82 7.83 2.86 19.62
N ILE A 83 8.56 3.32 20.63
CA ILE A 83 8.20 3.05 22.02
C ILE A 83 6.81 3.63 22.29
N LYS A 84 6.55 4.83 21.78
CA LYS A 84 5.25 5.48 21.96
C LYS A 84 4.15 4.64 21.31
N ILE A 85 4.46 4.06 20.15
CA ILE A 85 3.50 3.25 19.42
C ILE A 85 3.16 1.98 20.18
N VAL A 86 4.14 1.41 20.87
CA VAL A 86 3.92 0.21 21.66
C VAL A 86 2.97 0.59 22.79
N GLU A 87 3.23 1.74 23.40
CA GLU A 87 2.38 2.23 24.50
C GLU A 87 0.97 2.45 23.96
N PHE A 88 0.88 3.04 22.77
CA PHE A 88 -0.42 3.28 22.15
C PHE A 88 -1.15 1.95 21.99
N ALA A 89 -0.45 0.95 21.47
CA ALA A 89 -1.03 -0.38 21.26
C ALA A 89 -1.58 -0.96 22.57
N LYS A 90 -0.79 -0.87 23.63
CA LYS A 90 -1.21 -1.39 24.93
C LYS A 90 -2.41 -0.64 25.50
N ARG A 91 -2.72 0.54 24.95
CA ARG A 91 -3.87 1.30 25.43
C ARG A 91 -5.14 1.01 24.64
N LEU A 92 -5.00 0.21 23.58
CA LEU A 92 -6.15 -0.15 22.76
C LEU A 92 -6.88 -1.32 23.41
N PRO A 93 -8.16 -1.11 23.76
CA PRO A 93 -8.95 -2.17 24.40
C PRO A 93 -8.84 -3.50 23.70
N GLY A 94 -8.40 -4.51 24.44
CA GLY A 94 -8.28 -5.84 23.89
C GLY A 94 -6.91 -6.24 23.37
N PHE A 95 -6.09 -5.25 23.00
CA PHE A 95 -4.76 -5.56 22.47
C PHE A 95 -3.94 -6.46 23.37
N THR A 96 -3.93 -6.18 24.67
CA THR A 96 -3.16 -6.99 25.60
C THR A 96 -3.77 -8.37 25.81
N GLY A 97 -5.00 -8.55 25.33
CA GLY A 97 -5.67 -9.84 25.45
C GLY A 97 -5.17 -10.83 24.43
N LEU A 98 -4.44 -10.32 23.44
CA LEU A 98 -3.89 -11.18 22.39
C LEU A 98 -2.61 -11.80 22.91
N THR A 99 -2.16 -12.88 22.28
CA THR A 99 -0.93 -13.54 22.68
C THR A 99 0.24 -12.59 22.45
N ILE A 100 1.30 -12.73 23.24
CA ILE A 100 2.46 -11.87 23.09
C ILE A 100 3.01 -11.98 21.67
N ALA A 101 2.99 -13.21 21.14
CA ALA A 101 3.47 -13.46 19.78
C ALA A 101 2.70 -12.60 18.79
N ASP A 102 1.38 -12.60 18.93
CA ASP A 102 0.53 -11.81 18.03
C ASP A 102 0.75 -10.31 18.22
N GLN A 103 0.95 -9.90 19.47
CA GLN A 103 1.18 -8.49 19.76
C GLN A 103 2.42 -8.02 19.02
N ILE A 104 3.47 -8.85 19.06
CA ILE A 104 4.72 -8.53 18.40
C ILE A 104 4.57 -8.56 16.89
N THR A 105 3.82 -9.54 16.38
CA THR A 105 3.61 -9.67 14.94
C THR A 105 2.87 -8.46 14.39
N LEU A 106 1.83 -8.03 15.09
CA LEU A 106 1.05 -6.90 14.63
C LEU A 106 1.85 -5.61 14.67
N LEU A 107 2.59 -5.40 15.75
CA LEU A 107 3.40 -4.20 15.90
C LEU A 107 4.51 -4.15 14.84
N LYS A 108 5.17 -5.27 14.58
CA LYS A 108 6.23 -5.28 13.58
C LYS A 108 5.69 -5.02 12.19
N ALA A 109 4.48 -5.52 11.92
CA ALA A 109 3.90 -5.35 10.59
C ALA A 109 3.39 -3.93 10.29
N ALA A 110 2.97 -3.21 11.32
CA ALA A 110 2.40 -1.88 11.09
C ALA A 110 3.17 -0.69 11.63
N CYS A 111 4.21 -0.94 12.41
CA CYS A 111 4.94 0.16 13.01
C CYS A 111 5.41 1.26 12.07
N LEU A 112 6.07 0.87 10.98
CA LEU A 112 6.57 1.86 10.03
C LEU A 112 5.40 2.61 9.41
N ASP A 113 4.31 1.92 9.12
CA ASP A 113 3.14 2.57 8.53
C ASP A 113 2.64 3.66 9.49
N ILE A 114 2.52 3.31 10.77
CA ILE A 114 2.05 4.26 11.77
C ILE A 114 3.05 5.40 11.95
N LEU A 115 4.34 5.09 11.87
CA LEU A 115 5.37 6.11 12.01
C LEU A 115 5.28 7.11 10.87
N ILE A 116 5.08 6.62 9.65
CA ILE A 116 4.96 7.49 8.50
C ILE A 116 3.70 8.35 8.60
N LEU A 117 2.59 7.75 9.01
CA LEU A 117 1.35 8.51 9.13
C LEU A 117 1.55 9.63 10.14
N ARG A 118 2.14 9.29 11.28
CA ARG A 118 2.39 10.26 12.33
C ARG A 118 3.19 11.47 11.88
N ILE A 119 4.34 11.24 11.27
CA ILE A 119 5.15 12.37 10.82
C ILE A 119 4.45 13.17 9.73
N CYS A 120 3.69 12.50 8.87
CA CYS A 120 3.01 13.22 7.82
C CYS A 120 1.89 14.12 8.33
N THR A 121 1.31 13.80 9.48
CA THR A 121 0.26 14.63 10.05
C THR A 121 0.86 15.89 10.68
N ARG A 122 2.19 15.99 10.67
CA ARG A 122 2.89 17.14 11.22
C ARG A 122 3.55 17.92 10.09
N TYR A 123 2.98 17.81 8.90
CA TYR A 123 3.51 18.51 7.73
C TYR A 123 2.98 19.93 7.67
N THR A 124 3.87 20.88 7.40
CA THR A 124 3.51 22.29 7.27
C THR A 124 3.84 22.69 5.84
N PRO A 125 2.85 22.65 4.94
CA PRO A 125 3.05 23.01 3.54
C PRO A 125 3.58 24.41 3.27
N GLU A 126 3.24 25.37 4.13
CA GLU A 126 3.72 26.74 3.93
C GLU A 126 5.23 26.76 3.83
N GLN A 127 5.90 26.15 4.81
CA GLN A 127 7.36 26.09 4.85
C GLN A 127 7.93 24.78 4.32
N ASP A 128 7.06 23.87 3.88
CA ASP A 128 7.49 22.57 3.37
C ASP A 128 8.39 21.85 4.39
N THR A 129 7.88 21.71 5.61
CA THR A 129 8.63 21.05 6.68
C THR A 129 7.76 20.03 7.41
N MET A 130 8.40 19.24 8.25
CA MET A 130 7.71 18.27 9.06
C MET A 130 8.26 18.44 10.46
N THR A 131 7.41 18.21 11.45
CA THR A 131 7.82 18.39 12.84
C THR A 131 7.73 17.11 13.64
N PHE A 132 8.82 16.77 14.30
CA PHE A 132 8.87 15.57 15.12
C PHE A 132 8.28 15.83 16.50
N SER A 133 8.11 14.76 17.28
CA SER A 133 7.50 14.87 18.60
C SER A 133 8.16 15.79 19.61
N ASP A 134 9.44 16.08 19.42
CA ASP A 134 10.16 16.96 20.34
C ASP A 134 10.21 18.39 19.81
N GLY A 135 9.53 18.62 18.69
CA GLY A 135 9.50 19.96 18.12
C GLY A 135 10.44 20.18 16.95
N LEU A 136 11.44 19.30 16.80
CA LEU A 136 12.40 19.42 15.72
C LEU A 136 11.63 19.55 14.40
N THR A 137 11.90 20.62 13.67
CA THR A 137 11.24 20.87 12.40
C THR A 137 12.25 20.93 11.28
N LEU A 138 12.19 19.97 10.38
CA LEU A 138 13.12 19.89 9.27
C LEU A 138 12.43 20.16 7.93
N ASN A 139 13.15 20.84 7.03
CA ASN A 139 12.60 21.11 5.70
C ASN A 139 12.83 19.84 4.88
N ARG A 140 12.33 19.82 3.65
CA ARG A 140 12.45 18.66 2.77
C ARG A 140 13.88 18.16 2.56
N THR A 141 14.81 19.09 2.32
CA THR A 141 16.21 18.74 2.09
C THR A 141 16.82 18.05 3.32
N GLN A 142 16.48 18.56 4.51
CA GLN A 142 16.98 17.98 5.75
C GLN A 142 16.37 16.61 6.01
N MET A 143 15.08 16.47 5.75
CA MET A 143 14.41 15.18 5.94
C MET A 143 15.13 14.18 5.05
N HIS A 144 15.46 14.61 3.83
CA HIS A 144 16.18 13.74 2.91
C HIS A 144 17.52 13.35 3.51
N ASN A 145 18.25 14.36 3.99
CA ASN A 145 19.58 14.16 4.56
C ASN A 145 19.59 13.43 5.90
N ALA A 146 18.47 13.40 6.59
CA ALA A 146 18.38 12.73 7.88
C ALA A 146 18.27 11.22 7.70
N GLY A 147 17.89 10.79 6.50
CA GLY A 147 17.77 9.37 6.23
C GLY A 147 16.65 8.98 5.28
N PHE A 148 15.73 9.89 5.00
CA PHE A 148 14.63 9.55 4.10
C PHE A 148 15.12 9.25 2.69
N GLY A 149 16.24 9.87 2.30
CA GLY A 149 16.80 9.64 0.99
C GLY A 149 15.81 9.67 -0.15
N PRO A 150 15.84 8.66 -1.04
CA PRO A 150 14.94 8.57 -2.20
C PRO A 150 13.46 8.46 -1.88
N LEU A 151 13.12 8.28 -0.60
CA LEU A 151 11.72 8.17 -0.23
C LEU A 151 11.14 9.52 0.17
N THR A 152 12.00 10.53 0.26
CA THR A 152 11.59 11.87 0.67
C THR A 152 10.40 12.48 -0.08
N ASP A 153 10.50 12.59 -1.40
CA ASP A 153 9.41 13.18 -2.18
C ASP A 153 8.12 12.37 -2.05
N LEU A 154 8.24 11.06 -2.03
CA LEU A 154 7.08 10.19 -1.88
C LEU A 154 6.34 10.53 -0.59
N VAL A 155 7.09 10.62 0.50
CA VAL A 155 6.52 10.93 1.81
C VAL A 155 5.87 12.33 1.84
N PHE A 156 6.54 13.32 1.27
CA PHE A 156 5.98 14.67 1.24
C PHE A 156 4.73 14.69 0.39
N THR A 157 4.74 13.92 -0.70
CA THR A 157 3.56 13.86 -1.57
C THR A 157 2.40 13.28 -0.78
N PHE A 158 2.70 12.27 0.04
CA PHE A 158 1.66 11.64 0.85
C PHE A 158 1.10 12.63 1.86
N ALA A 159 1.98 13.39 2.50
CA ALA A 159 1.55 14.36 3.50
C ALA A 159 0.71 15.47 2.86
N ASN A 160 1.08 15.89 1.66
CA ASN A 160 0.36 16.95 0.95
C ASN A 160 -1.06 16.46 0.60
N GLN A 161 -1.17 15.22 0.18
CA GLN A 161 -2.46 14.65 -0.20
C GLN A 161 -3.32 14.27 0.98
N LEU A 162 -2.71 14.25 2.17
CA LEU A 162 -3.43 13.90 3.39
C LEU A 162 -4.16 15.10 4.01
N LEU A 163 -3.55 16.28 3.89
CA LEU A 163 -4.10 17.53 4.42
C LEU A 163 -5.57 17.79 4.13
N PRO A 164 -6.00 17.61 2.86
CA PRO A 164 -7.39 17.81 2.45
C PRO A 164 -8.41 16.99 3.22
N LEU A 165 -7.97 15.91 3.84
CA LEU A 165 -8.88 15.08 4.60
C LEU A 165 -9.22 15.72 5.94
N GLU A 166 -8.40 16.70 6.34
CA GLU A 166 -8.63 17.40 7.60
C GLU A 166 -8.90 16.44 8.77
N MET A 167 -8.04 15.45 8.93
CA MET A 167 -8.19 14.48 10.01
C MET A 167 -7.76 15.07 11.35
N ASP A 168 -8.48 14.72 12.41
CA ASP A 168 -8.12 15.20 13.75
C ASP A 168 -7.40 14.06 14.46
N ASP A 169 -7.14 14.23 15.74
CA ASP A 169 -6.44 13.20 16.52
C ASP A 169 -7.29 11.94 16.65
N THR A 170 -8.60 12.09 16.67
CA THR A 170 -9.48 10.94 16.78
C THR A 170 -9.38 10.07 15.53
N GLU A 171 -9.50 10.71 14.37
CA GLU A 171 -9.42 10.00 13.10
C GLU A 171 -8.03 9.41 12.89
N THR A 172 -7.00 10.14 13.30
CA THR A 172 -5.64 9.66 13.15
C THR A 172 -5.38 8.47 14.05
N GLY A 173 -5.84 8.56 15.29
CA GLY A 173 -5.67 7.46 16.22
C GLY A 173 -6.43 6.22 15.78
N LEU A 174 -7.65 6.42 15.30
CA LEU A 174 -8.47 5.31 14.83
C LEU A 174 -7.81 4.65 13.62
N LEU A 175 -7.27 5.47 12.72
CA LEU A 175 -6.62 4.91 11.53
C LEU A 175 -5.39 4.09 11.95
N SER A 176 -4.62 4.62 12.91
CA SER A 176 -3.44 3.91 13.39
C SER A 176 -3.85 2.58 14.02
N ALA A 177 -4.91 2.63 14.81
CA ALA A 177 -5.41 1.43 15.46
C ALA A 177 -5.90 0.40 14.43
N ILE A 178 -6.55 0.86 13.36
CA ILE A 178 -7.04 -0.05 12.33
C ILE A 178 -5.87 -0.70 11.60
N CYS A 179 -4.82 0.09 11.38
CA CYS A 179 -3.64 -0.39 10.70
C CYS A 179 -2.95 -1.45 11.54
N LEU A 180 -2.85 -1.19 12.84
CA LEU A 180 -2.20 -2.11 13.76
C LEU A 180 -3.00 -3.39 13.98
N ILE A 181 -4.26 -3.26 14.36
CA ILE A 181 -5.10 -4.43 14.59
C ILE A 181 -5.62 -4.95 13.26
N CYS A 182 -4.73 -5.62 12.54
CA CYS A 182 -5.06 -6.18 11.22
C CYS A 182 -4.91 -7.70 11.24
N GLY A 183 -6.03 -8.39 11.09
CA GLY A 183 -6.01 -9.84 11.11
C GLY A 183 -5.47 -10.49 9.84
N ASP A 184 -5.07 -9.68 8.86
CA ASP A 184 -4.56 -10.22 7.62
C ASP A 184 -3.05 -10.43 7.68
N ARG A 185 -2.40 -9.91 8.71
CA ARG A 185 -0.95 -10.08 8.84
C ARG A 185 -0.64 -11.56 8.86
N GLN A 186 0.54 -11.92 8.36
CA GLN A 186 0.95 -13.32 8.32
C GLN A 186 1.50 -13.84 9.64
N ASP A 187 1.22 -15.11 9.91
CA ASP A 187 1.69 -15.80 11.10
C ASP A 187 1.02 -15.42 12.42
N LEU A 188 -0.26 -15.07 12.37
CA LEU A 188 -0.99 -14.73 13.58
C LEU A 188 -1.46 -16.04 14.22
N GLU A 189 -1.46 -16.09 15.54
CA GLU A 189 -1.89 -17.27 16.26
C GLU A 189 -3.42 -17.28 16.39
N GLU A 190 -4.01 -16.09 16.39
CA GLU A 190 -5.45 -15.94 16.51
C GLU A 190 -5.96 -14.85 15.58
N PRO A 191 -5.82 -15.04 14.26
CA PRO A 191 -6.27 -14.03 13.28
C PRO A 191 -7.71 -13.57 13.47
N THR A 192 -8.61 -14.52 13.72
CA THR A 192 -10.01 -14.19 13.91
C THR A 192 -10.19 -13.24 15.08
N LYS A 193 -9.51 -13.54 16.18
CA LYS A 193 -9.60 -12.71 17.36
C LYS A 193 -9.16 -11.29 17.02
N VAL A 194 -8.22 -11.18 16.10
CA VAL A 194 -7.73 -9.87 15.67
C VAL A 194 -8.82 -9.19 14.83
N ASP A 195 -9.43 -9.94 13.91
CA ASP A 195 -10.50 -9.38 13.08
C ASP A 195 -11.62 -8.84 13.96
N LYS A 196 -11.95 -9.59 15.01
CA LYS A 196 -13.00 -9.21 15.95
C LYS A 196 -12.73 -7.85 16.57
N LEU A 197 -11.46 -7.61 16.91
CA LEU A 197 -11.06 -6.35 17.51
C LEU A 197 -11.12 -5.17 16.55
N GLN A 198 -10.77 -5.41 15.29
CA GLN A 198 -10.76 -4.36 14.29
C GLN A 198 -12.14 -3.85 13.87
N GLU A 199 -13.13 -4.73 13.80
CA GLU A 199 -14.47 -4.32 13.39
C GLU A 199 -14.99 -3.10 14.13
N PRO A 200 -15.00 -3.12 15.47
CA PRO A 200 -15.51 -1.94 16.18
C PRO A 200 -14.77 -0.67 15.76
N LEU A 201 -13.45 -0.78 15.58
CA LEU A 201 -12.63 0.36 15.17
C LEU A 201 -13.06 0.88 13.80
N LEU A 202 -13.31 -0.05 12.88
CA LEU A 202 -13.74 0.32 11.54
C LEU A 202 -15.09 1.04 11.63
N GLU A 203 -16.01 0.46 12.39
CA GLU A 203 -17.33 1.03 12.59
C GLU A 203 -17.24 2.41 13.24
N ALA A 204 -16.38 2.54 14.25
CA ALA A 204 -16.22 3.81 14.95
C ALA A 204 -15.70 4.91 14.03
N LEU A 205 -14.76 4.56 13.16
CA LEU A 205 -14.19 5.54 12.24
C LEU A 205 -15.25 6.02 11.25
N LYS A 206 -16.05 5.11 10.71
CA LYS A 206 -17.09 5.48 9.77
C LYS A 206 -18.09 6.45 10.39
N ILE A 207 -18.61 6.10 11.55
CA ILE A 207 -19.58 6.92 12.25
C ILE A 207 -18.98 8.28 12.63
N TYR A 208 -17.77 8.27 13.17
CA TYR A 208 -17.14 9.51 13.56
C TYR A 208 -16.92 10.42 12.35
N ILE A 209 -16.60 9.83 11.21
CA ILE A 209 -16.37 10.61 10.00
C ILE A 209 -17.66 11.29 9.55
N ARG A 210 -18.77 10.58 9.64
CA ARG A 210 -20.07 11.15 9.24
C ARG A 210 -20.48 12.22 10.23
N LYS A 211 -20.02 12.09 11.46
CA LYS A 211 -20.32 13.06 12.51
C LYS A 211 -19.72 14.41 12.12
N ARG A 212 -18.45 14.39 11.72
CA ARG A 212 -17.75 15.62 11.33
C ARG A 212 -18.14 16.09 9.93
N ARG A 213 -18.33 15.15 9.01
CA ARG A 213 -18.71 15.50 7.65
C ARG A 213 -19.93 14.70 7.20
N PRO A 214 -21.14 15.25 7.43
CA PRO A 214 -22.37 14.56 7.04
C PRO A 214 -22.60 14.63 5.53
N SER A 215 -21.87 15.52 4.87
CA SER A 215 -22.00 15.69 3.43
C SER A 215 -21.03 14.81 2.63
N LYS A 216 -19.90 14.46 3.23
CA LYS A 216 -18.89 13.65 2.55
C LYS A 216 -19.00 12.17 2.93
N PRO A 217 -19.97 11.47 2.36
CA PRO A 217 -20.19 10.05 2.64
C PRO A 217 -19.11 9.22 1.98
N HIS A 218 -18.15 9.89 1.35
CA HIS A 218 -17.06 9.24 0.65
C HIS A 218 -15.73 9.38 1.39
N MET A 219 -15.75 10.08 2.51
CA MET A 219 -14.53 10.28 3.29
C MET A 219 -14.03 9.02 3.98
N PHE A 220 -14.96 8.14 4.36
CA PHE A 220 -14.57 6.90 5.02
C PHE A 220 -13.71 6.05 4.11
N PRO A 221 -14.22 5.71 2.91
CA PRO A 221 -13.40 4.89 2.02
C PRO A 221 -12.11 5.61 1.61
N LYS A 222 -12.18 6.93 1.55
CA LYS A 222 -11.02 7.74 1.17
C LYS A 222 -9.92 7.61 2.23
N ILE A 223 -10.31 7.71 3.49
CA ILE A 223 -9.35 7.58 4.58
C ILE A 223 -8.82 6.14 4.68
N LEU A 224 -9.70 5.15 4.55
CA LEU A 224 -9.26 3.75 4.60
C LEU A 224 -8.22 3.47 3.53
N MET A 225 -8.43 4.03 2.34
CA MET A 225 -7.50 3.85 1.25
C MET A 225 -6.10 4.32 1.64
N LYS A 226 -6.02 5.34 2.49
CA LYS A 226 -4.73 5.89 2.91
C LYS A 226 -3.82 4.81 3.52
N ILE A 227 -4.44 3.81 4.15
CA ILE A 227 -3.68 2.72 4.76
C ILE A 227 -2.91 1.95 3.71
N THR A 228 -3.53 1.70 2.56
CA THR A 228 -2.88 0.98 1.49
C THR A 228 -1.78 1.86 0.94
N ASP A 229 -2.02 3.17 0.90
CA ASP A 229 -1.03 4.11 0.40
C ASP A 229 0.20 4.12 1.30
N LEU A 230 -0.02 4.03 2.61
CA LEU A 230 1.07 4.01 3.58
C LEU A 230 1.93 2.78 3.35
N ARG A 231 1.27 1.67 3.00
CA ARG A 231 1.96 0.41 2.76
C ARG A 231 2.96 0.48 1.62
N SER A 232 2.62 1.20 0.57
CA SER A 232 3.53 1.30 -0.56
C SER A 232 4.81 2.00 -0.14
N ILE A 233 4.71 2.95 0.78
CA ILE A 233 5.88 3.67 1.27
C ILE A 233 6.65 2.87 2.31
N SER A 234 5.95 2.20 3.21
CA SER A 234 6.65 1.43 4.24
C SER A 234 7.34 0.21 3.64
N ALA A 235 6.78 -0.33 2.57
CA ALA A 235 7.40 -1.49 1.92
C ALA A 235 8.76 -1.06 1.37
N LYS A 236 8.87 0.20 0.95
CA LYS A 236 10.13 0.71 0.42
C LYS A 236 11.05 1.10 1.56
N GLY A 237 10.47 1.52 2.68
CA GLY A 237 11.26 1.91 3.83
C GLY A 237 12.16 0.77 4.25
N ALA A 238 11.65 -0.45 4.13
CA ALA A 238 12.41 -1.64 4.50
C ALA A 238 13.72 -1.73 3.71
N GLU A 239 13.67 -1.33 2.44
CA GLU A 239 14.86 -1.36 1.59
C GLU A 239 15.80 -0.24 2.03
N ARG A 240 15.23 0.87 2.45
CA ARG A 240 16.00 2.01 2.91
C ARG A 240 16.85 1.60 4.13
N VAL A 241 16.32 0.69 4.94
CA VAL A 241 17.04 0.22 6.11
C VAL A 241 18.38 -0.41 5.71
N ILE A 242 18.35 -1.26 4.69
CA ILE A 242 19.56 -1.92 4.23
C ILE A 242 20.59 -0.90 3.77
N THR A 243 20.14 0.07 2.98
CA THR A 243 21.02 1.12 2.48
C THR A 243 21.60 1.94 3.63
N LEU A 244 20.75 2.26 4.60
CA LEU A 244 21.18 3.04 5.75
C LEU A 244 22.25 2.31 6.54
N LYS A 245 22.10 1.00 6.67
CA LYS A 245 23.07 0.19 7.41
C LYS A 245 24.46 0.33 6.80
N MET A 246 24.50 0.50 5.48
CA MET A 246 25.79 0.64 4.80
C MET A 246 26.36 2.05 4.92
N GLU A 247 25.51 3.02 5.23
CA GLU A 247 25.96 4.40 5.34
C GLU A 247 26.39 4.82 6.74
N ILE A 248 25.72 4.30 7.75
CA ILE A 248 26.05 4.65 9.13
C ILE A 248 27.23 3.82 9.64
N PRO A 249 28.06 4.39 10.53
CA PRO A 249 29.23 3.73 11.10
C PRO A 249 28.92 2.62 12.11
N GLY A 250 27.99 2.90 13.02
CA GLY A 250 27.64 1.91 14.02
C GLY A 250 26.49 1.04 13.59
N SER A 251 25.86 0.37 14.55
CA SER A 251 24.74 -0.50 14.25
C SER A 251 23.46 0.30 14.19
N MET A 252 22.46 -0.28 13.54
CA MET A 252 21.15 0.35 13.42
C MET A 252 20.60 0.30 14.86
N PRO A 253 20.01 1.41 15.35
CA PRO A 253 19.49 1.32 16.72
C PRO A 253 18.69 0.03 16.83
N PRO A 254 18.96 -0.76 17.89
CA PRO A 254 18.30 -2.04 18.15
C PRO A 254 16.79 -2.15 17.95
N LEU A 255 16.03 -1.24 18.52
CA LEU A 255 14.58 -1.30 18.37
C LEU A 255 14.15 -1.17 16.90
N ILE A 256 14.84 -0.31 16.16
CA ILE A 256 14.53 -0.13 14.74
C ILE A 256 14.83 -1.45 14.03
N GLN A 257 15.90 -2.09 14.45
CA GLN A 257 16.31 -3.38 13.90
C GLN A 257 15.17 -4.39 14.05
N GLU A 258 14.73 -4.58 15.29
CA GLU A 258 13.65 -5.52 15.60
C GLU A 258 12.37 -5.26 14.84
N MET A 259 11.99 -3.99 14.72
CA MET A 259 10.76 -3.62 14.02
C MET A 259 10.79 -3.88 12.53
N LEU A 260 11.92 -3.61 11.89
CA LEU A 260 12.04 -3.84 10.45
C LEU A 260 12.62 -5.22 10.16
N GLU A 261 13.04 -5.90 11.23
CA GLU A 261 13.61 -7.23 11.10
C GLU A 261 12.51 -8.18 10.62
N TYR B 24 -29.70 7.68 -4.40
CA TYR B 24 -30.54 7.49 -5.63
C TYR B 24 -29.75 7.79 -6.89
N GLU B 25 -29.42 9.06 -7.09
CA GLU B 25 -28.65 9.50 -8.25
C GLU B 25 -27.25 8.90 -8.20
N MET B 26 -26.64 8.94 -7.01
CA MET B 26 -25.31 8.39 -6.82
C MET B 26 -25.28 6.90 -7.13
N THR B 27 -26.29 6.18 -6.64
CA THR B 27 -26.39 4.74 -6.87
C THR B 27 -26.40 4.45 -8.37
N ALA B 28 -27.22 5.19 -9.10
CA ALA B 28 -27.31 5.00 -10.55
C ALA B 28 -25.95 5.26 -11.20
N GLU B 29 -25.30 6.34 -10.78
CA GLU B 29 -24.00 6.70 -11.32
C GLU B 29 -22.95 5.64 -11.01
N LEU B 30 -22.87 5.24 -9.75
CA LEU B 30 -21.93 4.22 -9.32
C LEU B 30 -22.17 2.90 -10.03
N ASP B 31 -23.43 2.51 -10.18
CA ASP B 31 -23.75 1.27 -10.88
C ASP B 31 -23.32 1.30 -12.33
N ASP B 32 -23.50 2.45 -12.98
CA ASP B 32 -23.09 2.58 -14.37
C ASP B 32 -21.57 2.47 -14.44
N LEU B 33 -20.91 3.17 -13.52
CA LEU B 33 -19.44 3.15 -13.46
C LEU B 33 -18.96 1.71 -13.28
N THR B 34 -19.63 0.99 -12.39
CA THR B 34 -19.27 -0.39 -12.10
C THR B 34 -19.39 -1.28 -13.34
N GLU B 35 -20.46 -1.09 -14.11
CA GLU B 35 -20.66 -1.88 -15.31
C GLU B 35 -19.54 -1.60 -16.31
N LYS B 36 -19.21 -0.33 -16.51
CA LYS B 36 -18.15 0.04 -17.44
C LYS B 36 -16.83 -0.62 -17.07
N ILE B 37 -16.50 -0.60 -15.78
CA ILE B 37 -15.27 -1.18 -15.27
C ILE B 37 -15.24 -2.70 -15.50
N ARG B 38 -16.35 -3.36 -15.22
CA ARG B 38 -16.46 -4.80 -15.41
C ARG B 38 -16.15 -5.17 -16.85
N LYS B 39 -16.75 -4.44 -17.79
CA LYS B 39 -16.54 -4.71 -19.21
C LYS B 39 -15.11 -4.39 -19.64
N ALA B 40 -14.57 -3.28 -19.14
CA ALA B 40 -13.20 -2.91 -19.48
C ALA B 40 -12.27 -4.03 -19.06
N HIS B 41 -12.49 -4.57 -17.86
CA HIS B 41 -11.65 -5.66 -17.36
C HIS B 41 -11.85 -6.93 -18.19
N GLN B 42 -13.09 -7.36 -18.36
CA GLN B 42 -13.36 -8.58 -19.11
C GLN B 42 -12.83 -8.52 -20.53
N GLU B 43 -12.94 -7.36 -21.17
CA GLU B 43 -12.47 -7.22 -22.53
C GLU B 43 -10.96 -7.05 -22.68
N THR B 44 -10.25 -6.95 -21.56
CA THR B 44 -8.80 -6.80 -21.61
C THR B 44 -8.10 -7.89 -20.80
N PHE B 45 -8.88 -8.81 -20.25
CA PHE B 45 -8.32 -9.89 -19.45
C PHE B 45 -9.20 -11.14 -19.49
N PRO B 46 -8.84 -12.13 -20.33
CA PRO B 46 -9.63 -13.36 -20.43
C PRO B 46 -9.71 -14.08 -19.08
N SER B 47 -10.88 -14.66 -18.80
CA SER B 47 -11.10 -15.39 -17.56
C SER B 47 -10.35 -16.73 -17.65
N LEU B 48 -9.88 -17.21 -16.50
CA LEU B 48 -9.14 -18.47 -16.42
C LEU B 48 -9.90 -19.63 -17.05
N CYS B 49 -11.23 -19.54 -17.05
CA CYS B 49 -12.07 -20.60 -17.62
C CYS B 49 -12.25 -20.45 -19.12
N GLN B 50 -11.76 -19.34 -19.66
CA GLN B 50 -11.88 -19.08 -21.09
C GLN B 50 -10.56 -19.38 -21.80
N LEU B 51 -9.62 -19.96 -21.07
CA LEU B 51 -8.32 -20.27 -21.64
C LEU B 51 -8.03 -21.77 -21.77
N GLY B 52 -7.32 -22.12 -22.85
CA GLY B 52 -6.95 -23.49 -23.09
C GLY B 52 -5.56 -23.71 -22.49
N LYS B 53 -5.52 -24.03 -21.20
CA LYS B 53 -4.29 -24.25 -20.47
C LYS B 53 -3.36 -25.26 -21.12
N TYR B 54 -2.07 -24.95 -21.11
CA TYR B 54 -1.04 -25.83 -21.66
C TYR B 54 0.20 -25.60 -20.81
N THR B 55 1.06 -26.61 -20.71
CA THR B 55 2.26 -26.50 -19.91
C THR B 55 3.54 -26.57 -20.71
N THR B 56 4.67 -26.48 -20.00
CA THR B 56 5.99 -26.55 -20.61
C THR B 56 6.90 -27.31 -19.66
N ASN B 57 7.87 -27.99 -20.18
CA ASN B 57 8.88 -28.76 -19.51
C ASN B 57 10.06 -28.07 -18.84
N SER B 58 10.26 -26.84 -19.18
CA SER B 58 11.29 -26.02 -18.70
C SER B 58 11.38 -25.90 -17.29
N SER B 59 12.48 -26.25 -16.79
CA SER B 59 12.73 -26.28 -15.43
C SER B 59 11.81 -26.51 -14.32
N ALA B 60 10.94 -27.41 -14.40
CA ALA B 60 9.84 -27.48 -13.56
C ALA B 60 9.95 -28.26 -12.39
N ASP B 61 11.10 -28.82 -12.19
CA ASP B 61 11.32 -29.65 -11.09
C ASP B 61 12.27 -29.19 -10.10
N HIS B 62 13.12 -28.30 -10.48
CA HIS B 62 14.15 -27.71 -9.61
C HIS B 62 14.22 -26.19 -9.75
N ARG B 63 14.48 -25.51 -8.65
CA ARG B 63 14.60 -24.05 -8.67
C ARG B 63 15.98 -23.61 -9.13
N VAL B 64 16.01 -22.66 -10.06
CA VAL B 64 17.26 -22.12 -10.59
C VAL B 64 17.18 -20.62 -10.41
N ARG B 65 18.30 -19.92 -10.51
CA ARG B 65 18.27 -18.48 -10.35
C ARG B 65 17.47 -17.84 -11.47
N LEU B 66 17.62 -18.36 -12.69
CA LEU B 66 16.89 -17.84 -13.84
C LEU B 66 16.96 -18.77 -15.04
N ASP B 67 15.80 -19.16 -15.58
CA ASP B 67 15.73 -20.01 -16.77
C ASP B 67 15.45 -18.99 -17.87
N LEU B 68 16.46 -18.70 -18.68
CA LEU B 68 16.33 -17.72 -19.74
C LEU B 68 15.15 -17.98 -20.67
N GLY B 69 14.90 -19.27 -20.95
CA GLY B 69 13.80 -19.64 -21.82
C GLY B 69 12.46 -19.18 -21.24
N LEU B 70 12.24 -19.46 -19.96
CA LEU B 70 11.01 -19.04 -19.30
C LEU B 70 10.95 -17.52 -19.21
N TRP B 71 12.08 -16.88 -18.91
CA TRP B 71 12.09 -15.42 -18.84
C TRP B 71 11.60 -14.82 -20.15
N ASP B 72 12.07 -15.36 -21.28
CA ASP B 72 11.68 -14.85 -22.59
C ASP B 72 10.17 -14.96 -22.77
N LYS B 73 9.61 -16.15 -22.55
CA LYS B 73 8.18 -16.33 -22.70
C LYS B 73 7.40 -15.46 -21.71
N PHE B 74 7.86 -15.47 -20.46
CA PHE B 74 7.23 -14.70 -19.40
C PHE B 74 7.20 -13.21 -19.69
N SER B 75 8.35 -12.65 -20.09
CA SER B 75 8.41 -11.23 -20.38
C SER B 75 7.61 -10.88 -21.64
N GLU B 76 7.53 -11.81 -22.58
CA GLU B 76 6.77 -11.59 -23.79
C GLU B 76 5.30 -11.42 -23.39
N LEU B 77 4.81 -12.35 -22.57
CA LEU B 77 3.43 -12.34 -22.10
C LEU B 77 3.18 -11.12 -21.21
N ALA B 78 4.18 -10.72 -20.44
CA ALA B 78 4.03 -9.55 -19.56
C ALA B 78 3.83 -8.33 -20.45
N THR B 79 4.63 -8.25 -21.51
CA THR B 79 4.51 -7.14 -22.44
C THR B 79 3.10 -7.08 -23.01
N LYS B 80 2.57 -8.22 -23.41
CA LYS B 80 1.22 -8.26 -23.96
C LYS B 80 0.17 -7.83 -22.96
N CYS B 81 0.33 -8.25 -21.70
CA CYS B 81 -0.63 -7.87 -20.68
C CYS B 81 -0.56 -6.37 -20.39
N ILE B 82 0.65 -5.80 -20.42
CA ILE B 82 0.80 -4.38 -20.17
C ILE B 82 0.05 -3.62 -21.26
N ILE B 83 0.15 -4.10 -22.49
CA ILE B 83 -0.56 -3.47 -23.59
C ILE B 83 -2.06 -3.50 -23.28
N LYS B 84 -2.53 -4.61 -22.71
CA LYS B 84 -3.94 -4.74 -22.37
C LYS B 84 -4.33 -3.83 -21.21
N ILE B 85 -3.40 -3.62 -20.29
CA ILE B 85 -3.64 -2.75 -19.15
C ILE B 85 -3.80 -1.30 -19.64
N VAL B 86 -3.03 -0.91 -20.65
CA VAL B 86 -3.14 0.44 -21.20
C VAL B 86 -4.50 0.59 -21.85
N GLU B 87 -4.97 -0.47 -22.52
CA GLU B 87 -6.27 -0.43 -23.16
C GLU B 87 -7.33 -0.30 -22.06
N PHE B 88 -7.16 -1.05 -20.97
CA PHE B 88 -8.08 -1.01 -19.85
C PHE B 88 -8.18 0.41 -19.30
N ALA B 89 -7.03 1.04 -19.09
CA ALA B 89 -6.98 2.39 -18.55
C ALA B 89 -7.70 3.39 -19.46
N LYS B 90 -7.46 3.28 -20.76
CA LYS B 90 -8.09 4.19 -21.71
C LYS B 90 -9.61 4.06 -21.70
N ARG B 91 -10.11 2.94 -21.21
CA ARG B 91 -11.54 2.69 -21.14
C ARG B 91 -12.17 3.16 -19.83
N LEU B 92 -11.34 3.59 -18.88
CA LEU B 92 -11.89 4.07 -17.61
C LEU B 92 -12.36 5.51 -17.78
N PRO B 93 -13.59 5.80 -17.32
CA PRO B 93 -14.10 7.15 -17.45
C PRO B 93 -13.14 8.16 -16.81
N GLY B 94 -12.84 9.22 -17.55
CA GLY B 94 -11.96 10.26 -17.03
C GLY B 94 -10.46 10.08 -17.18
N PHE B 95 -10.00 8.85 -17.36
CA PHE B 95 -8.56 8.63 -17.47
C PHE B 95 -7.97 9.45 -18.61
N THR B 96 -8.58 9.41 -19.80
CA THR B 96 -8.05 10.18 -20.91
C THR B 96 -8.31 11.68 -20.78
N GLY B 97 -8.85 12.08 -19.63
CA GLY B 97 -9.08 13.49 -19.37
C GLY B 97 -7.90 14.05 -18.59
N LEU B 98 -7.06 13.15 -18.07
CA LEU B 98 -5.88 13.54 -17.31
C LEU B 98 -4.80 14.00 -18.30
N THR B 99 -3.74 14.65 -17.80
CA THR B 99 -2.67 15.11 -18.70
C THR B 99 -1.94 13.87 -19.22
N ILE B 100 -1.25 14.01 -20.34
CA ILE B 100 -0.52 12.87 -20.88
C ILE B 100 0.55 12.41 -19.88
N ALA B 101 1.26 13.36 -19.29
CA ALA B 101 2.30 13.01 -18.33
C ALA B 101 1.69 12.24 -17.14
N ASP B 102 0.51 12.65 -16.68
CA ASP B 102 -0.13 11.96 -15.55
C ASP B 102 -0.60 10.55 -15.94
N GLN B 103 -1.11 10.39 -17.16
CA GLN B 103 -1.54 9.08 -17.60
C GLN B 103 -0.34 8.12 -17.56
N ILE B 104 0.80 8.61 -18.04
CA ILE B 104 2.03 7.83 -18.06
C ILE B 104 2.48 7.50 -16.63
N THR B 105 2.53 8.54 -15.80
CA THR B 105 2.96 8.37 -14.41
C THR B 105 2.11 7.35 -13.68
N LEU B 106 0.79 7.41 -13.87
CA LEU B 106 -0.11 6.48 -13.21
C LEU B 106 0.08 5.06 -13.71
N LEU B 107 0.13 4.90 -15.03
CA LEU B 107 0.33 3.58 -15.63
C LEU B 107 1.63 2.94 -15.13
N LYS B 108 2.72 3.71 -15.11
CA LYS B 108 4.00 3.19 -14.66
C LYS B 108 3.95 2.79 -13.18
N ALA B 109 3.35 3.63 -12.35
CA ALA B 109 3.29 3.35 -10.92
C ALA B 109 2.37 2.20 -10.53
N ALA B 110 1.33 1.94 -11.33
CA ALA B 110 0.39 0.86 -11.01
C ALA B 110 0.63 -0.38 -11.84
N CYS B 111 1.61 -0.35 -12.74
CA CYS B 111 1.86 -1.49 -13.61
C CYS B 111 2.01 -2.83 -12.89
N LEU B 112 2.90 -2.90 -11.92
CA LEU B 112 3.11 -4.15 -11.18
C LEU B 112 1.89 -4.54 -10.34
N ASP B 113 1.24 -3.55 -9.71
CA ASP B 113 0.04 -3.82 -8.91
C ASP B 113 -0.96 -4.62 -9.75
N ILE B 114 -1.27 -4.09 -10.92
CA ILE B 114 -2.23 -4.70 -11.81
C ILE B 114 -1.77 -6.03 -12.41
N LEU B 115 -0.51 -6.11 -12.83
CA LEU B 115 -0.01 -7.36 -13.39
C LEU B 115 -0.11 -8.47 -12.34
N ILE B 116 0.33 -8.15 -11.13
CA ILE B 116 0.31 -9.10 -10.03
C ILE B 116 -1.12 -9.50 -9.64
N LEU B 117 -2.02 -8.54 -9.53
CA LEU B 117 -3.40 -8.86 -9.18
C LEU B 117 -3.94 -9.79 -10.27
N ARG B 118 -3.71 -9.42 -11.53
CA ARG B 118 -4.17 -10.21 -12.66
C ARG B 118 -3.67 -11.64 -12.71
N ILE B 119 -2.36 -11.85 -12.57
CA ILE B 119 -1.85 -13.22 -12.63
C ILE B 119 -2.36 -14.02 -11.44
N CYS B 120 -2.51 -13.37 -10.30
CA CYS B 120 -2.98 -14.07 -9.11
C CYS B 120 -4.43 -14.53 -9.20
N THR B 121 -5.22 -13.92 -10.08
CA THR B 121 -6.61 -14.34 -10.22
C THR B 121 -6.67 -15.59 -11.09
N ARG B 122 -5.52 -15.97 -11.65
CA ARG B 122 -5.41 -17.13 -12.52
C ARG B 122 -4.71 -18.27 -11.78
N TYR B 123 -4.83 -18.27 -10.46
CA TYR B 123 -4.21 -19.29 -9.64
C TYR B 123 -5.11 -20.53 -9.55
N THR B 124 -4.51 -21.69 -9.77
CA THR B 124 -5.25 -22.95 -9.66
C THR B 124 -4.60 -23.65 -8.47
N PRO B 125 -5.22 -23.53 -7.29
CA PRO B 125 -4.67 -24.15 -6.08
C PRO B 125 -4.42 -25.65 -6.20
N GLU B 126 -5.38 -26.38 -6.75
CA GLU B 126 -5.25 -27.82 -6.92
C GLU B 126 -3.92 -28.20 -7.55
N GLN B 127 -3.44 -27.35 -8.45
CA GLN B 127 -2.19 -27.62 -9.14
C GLN B 127 -1.05 -26.66 -8.72
N ASP B 128 -1.38 -25.68 -7.88
CA ASP B 128 -0.39 -24.70 -7.44
C ASP B 128 0.25 -24.08 -8.69
N THR B 129 -0.60 -23.67 -9.63
CA THR B 129 -0.11 -23.07 -10.86
C THR B 129 -0.81 -21.75 -11.13
N MET B 130 -0.25 -20.98 -12.05
CA MET B 130 -0.84 -19.71 -12.48
C MET B 130 -0.88 -19.76 -14.00
N THR B 131 -1.97 -19.29 -14.57
CA THR B 131 -2.14 -19.33 -16.02
C THR B 131 -2.14 -17.94 -16.65
N PHE B 132 -1.30 -17.79 -17.66
CA PHE B 132 -1.19 -16.53 -18.37
C PHE B 132 -2.27 -16.44 -19.45
N SER B 133 -2.41 -15.26 -20.04
CA SER B 133 -3.45 -15.00 -21.03
C SER B 133 -3.47 -15.83 -22.32
N ASP B 134 -2.41 -16.56 -22.60
CA ASP B 134 -2.36 -17.39 -23.80
C ASP B 134 -2.59 -18.83 -23.39
N GLY B 135 -2.83 -19.03 -22.10
CA GLY B 135 -3.07 -20.37 -21.57
C GLY B 135 -1.87 -21.03 -20.91
N LEU B 136 -0.69 -20.44 -21.08
CA LEU B 136 0.52 -20.98 -20.48
C LEU B 136 0.33 -21.16 -18.99
N THR B 137 0.55 -22.38 -18.52
CA THR B 137 0.37 -22.72 -17.10
C THR B 137 1.65 -23.20 -16.44
N LEU B 138 2.25 -22.35 -15.61
CA LEU B 138 3.48 -22.68 -14.93
C LEU B 138 3.28 -23.00 -13.46
N ASN B 139 4.07 -23.93 -12.93
CA ASN B 139 3.94 -24.24 -11.51
C ASN B 139 4.77 -23.23 -10.74
N ARG B 140 4.76 -23.33 -9.42
CA ARG B 140 5.49 -22.41 -8.58
C ARG B 140 6.98 -22.33 -8.91
N THR B 141 7.60 -23.48 -9.14
CA THR B 141 9.02 -23.52 -9.45
C THR B 141 9.33 -22.79 -10.75
N GLN B 142 8.49 -22.97 -11.76
CA GLN B 142 8.73 -22.30 -13.05
C GLN B 142 8.49 -20.80 -12.91
N MET B 143 7.48 -20.43 -12.13
CA MET B 143 7.20 -19.02 -11.90
C MET B 143 8.46 -18.45 -11.26
N HIS B 144 9.01 -19.16 -10.27
CA HIS B 144 10.23 -18.71 -9.63
C HIS B 144 11.33 -18.54 -10.66
N ASN B 145 11.55 -19.58 -11.47
CA ASN B 145 12.60 -19.57 -12.48
C ASN B 145 12.40 -18.60 -13.63
N ALA B 146 11.16 -18.24 -13.90
CA ALA B 146 10.85 -17.32 -15.00
C ALA B 146 11.27 -15.89 -14.65
N GLY B 147 11.51 -15.64 -13.37
CA GLY B 147 11.93 -14.31 -12.96
C GLY B 147 11.43 -13.82 -11.62
N PHE B 148 10.38 -14.44 -11.08
CA PHE B 148 9.86 -14.02 -9.79
C PHE B 148 10.91 -14.17 -8.70
N GLY B 149 11.74 -15.19 -8.84
CA GLY B 149 12.80 -15.43 -7.88
C GLY B 149 12.40 -15.35 -6.42
N PRO B 150 13.03 -14.46 -5.65
CA PRO B 150 12.71 -14.32 -4.23
C PRO B 150 11.30 -13.80 -3.91
N LEU B 151 10.56 -13.35 -4.91
CA LEU B 151 9.21 -12.86 -4.65
C LEU B 151 8.16 -13.94 -4.87
N THR B 152 8.59 -15.12 -5.31
CA THR B 152 7.67 -16.22 -5.61
C THR B 152 6.71 -16.61 -4.49
N ASP B 153 7.23 -16.92 -3.31
CA ASP B 153 6.37 -17.33 -2.20
C ASP B 153 5.39 -16.23 -1.81
N LEU B 154 5.84 -14.98 -1.81
CA LEU B 154 4.97 -13.86 -1.47
C LEU B 154 3.78 -13.78 -2.42
N VAL B 155 4.07 -13.90 -3.72
CA VAL B 155 3.02 -13.83 -4.73
C VAL B 155 2.05 -15.01 -4.59
N PHE B 156 2.56 -16.22 -4.42
CA PHE B 156 1.69 -17.38 -4.27
C PHE B 156 0.87 -17.28 -2.98
N THR B 157 1.46 -16.73 -1.93
CA THR B 157 0.72 -16.59 -0.67
C THR B 157 -0.43 -15.61 -0.92
N PHE B 158 -0.14 -14.50 -1.60
CA PHE B 158 -1.16 -13.50 -1.91
C PHE B 158 -2.29 -14.14 -2.70
N ALA B 159 -1.94 -14.97 -3.67
CA ALA B 159 -2.93 -15.64 -4.51
C ALA B 159 -3.82 -16.53 -3.65
N ASN B 160 -3.21 -17.28 -2.75
CA ASN B 160 -3.96 -18.16 -1.86
C ASN B 160 -4.90 -17.37 -0.98
N GLN B 161 -4.46 -16.20 -0.52
CA GLN B 161 -5.29 -15.37 0.34
C GLN B 161 -6.32 -14.58 -0.45
N LEU B 162 -6.15 -14.54 -1.76
CA LEU B 162 -7.07 -13.80 -2.63
C LEU B 162 -8.25 -14.65 -3.04
N LEU B 163 -7.96 -15.84 -3.58
CA LEU B 163 -8.98 -16.77 -4.03
C LEU B 163 -10.13 -16.98 -3.05
N PRO B 164 -9.85 -17.02 -1.75
CA PRO B 164 -10.92 -17.22 -0.76
C PRO B 164 -12.05 -16.20 -0.88
N LEU B 165 -11.69 -14.94 -1.12
CA LEU B 165 -12.66 -13.86 -1.24
C LEU B 165 -13.62 -14.08 -2.40
N GLU B 166 -13.23 -14.93 -3.35
CA GLU B 166 -14.05 -15.22 -4.51
C GLU B 166 -14.47 -13.96 -5.27
N MET B 167 -13.51 -13.10 -5.57
CA MET B 167 -13.83 -11.88 -6.28
C MET B 167 -14.23 -12.19 -7.72
N ASP B 168 -15.13 -11.39 -8.27
CA ASP B 168 -15.55 -11.59 -9.65
C ASP B 168 -14.87 -10.57 -10.54
N ASP B 169 -15.23 -10.52 -11.81
CA ASP B 169 -14.63 -9.58 -12.73
C ASP B 169 -14.83 -8.13 -12.33
N THR B 170 -16.00 -7.81 -11.79
CA THR B 170 -16.28 -6.45 -11.38
C THR B 170 -15.34 -5.99 -10.26
N GLU B 171 -15.24 -6.80 -9.22
CA GLU B 171 -14.38 -6.45 -8.09
C GLU B 171 -12.90 -6.38 -8.48
N THR B 172 -12.45 -7.30 -9.32
CA THR B 172 -11.06 -7.31 -9.75
C THR B 172 -10.81 -6.08 -10.61
N GLY B 173 -11.78 -5.77 -11.47
CA GLY B 173 -11.65 -4.59 -12.32
C GLY B 173 -11.61 -3.33 -11.47
N LEU B 174 -12.48 -3.25 -10.46
CA LEU B 174 -12.50 -2.05 -9.62
C LEU B 174 -11.21 -1.90 -8.83
N LEU B 175 -10.69 -2.99 -8.29
CA LEU B 175 -9.42 -2.90 -7.55
C LEU B 175 -8.33 -2.41 -8.49
N SER B 176 -8.34 -2.92 -9.72
CA SER B 176 -7.35 -2.53 -10.71
C SER B 176 -7.41 -1.03 -10.97
N ALA B 177 -8.62 -0.52 -11.17
CA ALA B 177 -8.85 0.91 -11.44
C ALA B 177 -8.44 1.78 -10.28
N ILE B 178 -8.71 1.32 -9.07
CA ILE B 178 -8.38 2.03 -7.85
C ILE B 178 -6.86 2.14 -7.69
N CYS B 179 -6.15 1.07 -8.04
CA CYS B 179 -4.70 1.07 -7.95
C CYS B 179 -4.12 2.04 -8.94
N LEU B 180 -4.75 2.11 -10.10
CA LEU B 180 -4.31 2.98 -11.19
C LEU B 180 -4.56 4.48 -10.94
N ILE B 181 -5.80 4.83 -10.65
CA ILE B 181 -6.21 6.23 -10.42
C ILE B 181 -5.91 6.53 -8.95
N CYS B 182 -4.65 6.84 -8.69
CA CYS B 182 -4.17 7.11 -7.33
C CYS B 182 -3.50 8.48 -7.26
N GLY B 183 -4.13 9.38 -6.53
CA GLY B 183 -3.61 10.74 -6.38
C GLY B 183 -2.33 10.85 -5.56
N ASP B 184 -1.95 9.76 -4.91
CA ASP B 184 -0.74 9.72 -4.08
C ASP B 184 0.55 9.44 -4.83
N ARG B 185 0.44 9.08 -6.10
CA ARG B 185 1.64 8.79 -6.86
C ARG B 185 2.51 10.04 -6.96
N GLN B 186 3.81 9.83 -6.92
CA GLN B 186 4.78 10.91 -6.99
C GLN B 186 4.81 11.50 -8.41
N ASP B 187 5.13 12.79 -8.48
CA ASP B 187 5.25 13.52 -9.75
C ASP B 187 4.01 13.83 -10.59
N LEU B 188 2.82 13.67 -10.02
CA LEU B 188 1.59 13.97 -10.77
C LEU B 188 1.45 15.48 -10.94
N GLU B 189 0.96 15.92 -12.10
CA GLU B 189 0.76 17.35 -12.36
C GLU B 189 -0.57 17.80 -11.78
N GLU B 190 -1.56 16.91 -11.78
CA GLU B 190 -2.88 17.25 -11.25
C GLU B 190 -3.33 16.25 -10.20
N PRO B 191 -2.60 16.15 -9.08
CA PRO B 191 -2.97 15.21 -8.04
C PRO B 191 -4.41 15.31 -7.54
N THR B 192 -4.91 16.53 -7.37
CA THR B 192 -6.28 16.71 -6.89
C THR B 192 -7.31 16.14 -7.87
N LYS B 193 -7.10 16.38 -9.16
CA LYS B 193 -8.02 15.87 -10.16
C LYS B 193 -8.00 14.34 -10.12
N VAL B 194 -6.80 13.77 -10.00
CA VAL B 194 -6.68 12.30 -9.96
C VAL B 194 -7.36 11.76 -8.70
N ASP B 195 -7.06 12.38 -7.58
CA ASP B 195 -7.62 11.97 -6.31
C ASP B 195 -9.16 11.99 -6.37
N LYS B 196 -9.73 13.04 -6.94
CA LYS B 196 -11.18 13.14 -7.05
C LYS B 196 -11.74 12.01 -7.93
N LEU B 197 -11.04 11.74 -9.03
CA LEU B 197 -11.47 10.70 -9.96
C LEU B 197 -11.53 9.33 -9.29
N GLN B 198 -10.69 9.12 -8.28
CA GLN B 198 -10.67 7.83 -7.60
C GLN B 198 -11.86 7.66 -6.66
N GLU B 199 -12.35 8.76 -6.10
CA GLU B 199 -13.47 8.71 -5.17
C GLU B 199 -14.66 7.84 -5.60
N PRO B 200 -15.19 8.05 -6.82
CA PRO B 200 -16.33 7.24 -7.29
C PRO B 200 -16.01 5.75 -7.37
N LEU B 201 -14.76 5.41 -7.68
CA LEU B 201 -14.35 4.01 -7.78
C LEU B 201 -14.40 3.34 -6.41
N LEU B 202 -13.98 4.06 -5.37
CA LEU B 202 -14.00 3.51 -4.01
C LEU B 202 -15.46 3.27 -3.59
N GLU B 203 -16.30 4.27 -3.81
CA GLU B 203 -17.72 4.19 -3.48
C GLU B 203 -18.39 3.07 -4.24
N ALA B 204 -18.04 2.94 -5.51
CA ALA B 204 -18.60 1.92 -6.38
C ALA B 204 -18.30 0.54 -5.82
N LEU B 205 -17.05 0.36 -5.38
CA LEU B 205 -16.61 -0.92 -4.83
C LEU B 205 -17.38 -1.21 -3.55
N LYS B 206 -17.50 -0.20 -2.70
CA LYS B 206 -18.21 -0.33 -1.43
C LYS B 206 -19.64 -0.79 -1.66
N ILE B 207 -20.33 -0.11 -2.57
CA ILE B 207 -21.72 -0.45 -2.88
C ILE B 207 -21.87 -1.79 -3.58
N TYR B 208 -20.99 -2.11 -4.52
CA TYR B 208 -21.11 -3.38 -5.21
C TYR B 208 -20.98 -4.53 -4.21
N ILE B 209 -20.02 -4.40 -3.30
CA ILE B 209 -19.79 -5.43 -2.29
C ILE B 209 -21.00 -5.64 -1.40
N ARG B 210 -21.62 -4.52 -0.99
CA ARG B 210 -22.81 -4.57 -0.15
C ARG B 210 -23.92 -5.36 -0.83
N LYS B 211 -24.13 -5.11 -2.12
CA LYS B 211 -25.18 -5.80 -2.86
C LYS B 211 -24.83 -7.26 -3.12
N ARG B 212 -23.56 -7.53 -3.43
CA ARG B 212 -23.13 -8.89 -3.72
C ARG B 212 -22.89 -9.76 -2.50
N ARG B 213 -22.59 -9.14 -1.36
CA ARG B 213 -22.33 -9.90 -0.13
C ARG B 213 -23.05 -9.25 1.06
N PRO B 214 -24.38 -9.15 0.98
CA PRO B 214 -25.25 -8.56 2.01
C PRO B 214 -25.02 -9.04 3.44
N SER B 215 -24.72 -10.33 3.61
CA SER B 215 -24.52 -10.91 4.93
C SER B 215 -23.22 -10.49 5.61
N LYS B 216 -22.22 -10.11 4.81
CA LYS B 216 -20.92 -9.72 5.35
C LYS B 216 -20.87 -8.22 5.64
N PRO B 217 -20.73 -7.86 6.93
CA PRO B 217 -20.68 -6.47 7.39
C PRO B 217 -19.50 -5.62 6.91
N HIS B 218 -18.28 -6.11 7.14
CA HIS B 218 -17.09 -5.37 6.77
C HIS B 218 -16.26 -5.97 5.63
N MET B 219 -16.93 -6.38 4.55
CA MET B 219 -16.22 -6.95 3.42
C MET B 219 -15.50 -5.87 2.63
N PHE B 220 -16.02 -4.65 2.65
CA PHE B 220 -15.40 -3.55 1.92
C PHE B 220 -13.97 -3.35 2.43
N PRO B 221 -13.81 -3.14 3.76
CA PRO B 221 -12.48 -2.95 4.33
C PRO B 221 -11.58 -4.16 4.08
N LYS B 222 -12.14 -5.36 4.17
CA LYS B 222 -11.35 -6.55 3.95
C LYS B 222 -10.83 -6.59 2.52
N ILE B 223 -11.70 -6.37 1.54
CA ILE B 223 -11.28 -6.40 0.15
C ILE B 223 -10.34 -5.24 -0.20
N LEU B 224 -10.66 -4.04 0.26
CA LEU B 224 -9.81 -2.88 -0.04
C LEU B 224 -8.41 -3.12 0.51
N MET B 225 -8.33 -3.77 1.67
CA MET B 225 -7.04 -4.04 2.29
C MET B 225 -6.18 -5.04 1.51
N LYS B 226 -6.75 -5.70 0.50
CA LYS B 226 -5.97 -6.62 -0.32
C LYS B 226 -5.01 -5.78 -1.14
N ILE B 227 -5.38 -4.52 -1.36
CA ILE B 227 -4.53 -3.62 -2.12
C ILE B 227 -3.26 -3.34 -1.31
N THR B 228 -3.40 -3.36 0.00
CA THR B 228 -2.28 -3.12 0.89
C THR B 228 -1.22 -4.19 0.70
N ASP B 229 -1.64 -5.45 0.68
CA ASP B 229 -0.69 -6.53 0.50
C ASP B 229 -0.15 -6.50 -0.92
N LEU B 230 -1.00 -6.11 -1.86
CA LEU B 230 -0.62 -6.04 -3.27
C LEU B 230 0.48 -5.02 -3.50
N ARG B 231 0.33 -3.83 -2.92
CA ARG B 231 1.31 -2.78 -3.10
C ARG B 231 2.60 -3.07 -2.37
N SER B 232 2.53 -3.92 -1.36
CA SER B 232 3.73 -4.28 -0.63
C SER B 232 4.55 -5.18 -1.55
N ILE B 233 3.87 -6.07 -2.27
CA ILE B 233 4.52 -6.98 -3.21
C ILE B 233 5.08 -6.22 -4.42
N SER B 234 4.33 -5.24 -4.91
CA SER B 234 4.77 -4.44 -6.04
C SER B 234 6.05 -3.69 -5.72
N ALA B 235 6.17 -3.22 -4.47
CA ALA B 235 7.36 -2.48 -4.06
C ALA B 235 8.55 -3.45 -4.09
N LYS B 236 8.33 -4.68 -3.67
CA LYS B 236 9.41 -5.65 -3.69
C LYS B 236 9.70 -6.04 -5.14
N GLY B 237 8.66 -6.07 -5.96
CA GLY B 237 8.83 -6.40 -7.37
C GLY B 237 9.76 -5.40 -8.01
N ALA B 238 9.64 -4.13 -7.63
CA ALA B 238 10.48 -3.08 -8.18
C ALA B 238 11.95 -3.39 -7.87
N GLU B 239 12.21 -3.92 -6.68
CA GLU B 239 13.59 -4.28 -6.29
C GLU B 239 14.05 -5.49 -7.09
N ARG B 240 13.13 -6.40 -7.33
CA ARG B 240 13.43 -7.61 -8.08
C ARG B 240 13.86 -7.26 -9.50
N VAL B 241 13.27 -6.22 -10.08
CA VAL B 241 13.63 -5.79 -11.43
C VAL B 241 15.12 -5.46 -11.49
N ILE B 242 15.62 -4.76 -10.49
CA ILE B 242 17.03 -4.40 -10.45
C ILE B 242 17.94 -5.62 -10.47
N THR B 243 17.68 -6.59 -9.61
CA THR B 243 18.49 -7.79 -9.56
C THR B 243 18.26 -8.68 -10.77
N LEU B 244 17.04 -8.64 -11.30
CA LEU B 244 16.72 -9.46 -12.47
C LEU B 244 17.52 -8.98 -13.68
N LYS B 245 17.69 -7.66 -13.81
CA LYS B 245 18.45 -7.10 -14.92
C LYS B 245 19.91 -7.54 -14.87
N MET B 246 20.40 -7.88 -13.67
CA MET B 246 21.78 -8.32 -13.52
C MET B 246 21.95 -9.78 -13.93
N GLU B 247 20.87 -10.56 -13.83
CA GLU B 247 20.91 -11.98 -14.17
C GLU B 247 20.65 -12.25 -15.65
N ILE B 248 19.92 -11.36 -16.31
CA ILE B 248 19.62 -11.54 -17.73
C ILE B 248 20.76 -11.04 -18.61
N PRO B 249 21.30 -11.91 -19.47
CA PRO B 249 22.39 -11.51 -20.36
C PRO B 249 21.81 -10.74 -21.56
N GLY B 250 21.08 -9.68 -21.26
CA GLY B 250 20.46 -8.87 -22.31
C GLY B 250 19.52 -7.86 -21.68
N SER B 251 18.80 -7.10 -22.50
CA SER B 251 17.86 -6.12 -21.98
C SER B 251 16.47 -6.74 -21.84
N MET B 252 15.62 -6.14 -21.02
CA MET B 252 14.27 -6.64 -20.87
C MET B 252 13.50 -6.03 -22.03
N PRO B 253 12.30 -6.56 -22.36
CA PRO B 253 11.54 -5.98 -23.47
C PRO B 253 11.43 -4.47 -23.25
N PRO B 254 11.47 -3.67 -24.32
CA PRO B 254 11.38 -2.23 -24.19
C PRO B 254 10.18 -1.65 -23.43
N LEU B 255 8.99 -2.23 -23.60
CA LEU B 255 7.83 -1.72 -22.89
C LEU B 255 7.99 -1.98 -21.38
N ILE B 256 8.65 -3.07 -21.02
CA ILE B 256 8.87 -3.36 -19.61
C ILE B 256 9.92 -2.38 -19.10
N GLN B 257 10.95 -2.12 -19.92
CA GLN B 257 11.98 -1.15 -19.54
C GLN B 257 11.30 0.19 -19.21
N GLU B 258 10.39 0.61 -20.08
CA GLU B 258 9.69 1.87 -19.87
C GLU B 258 8.80 1.90 -18.64
N MET B 259 7.99 0.86 -18.45
CA MET B 259 7.09 0.79 -17.30
C MET B 259 7.81 0.75 -15.95
N LEU B 260 8.94 0.07 -15.91
CA LEU B 260 9.70 -0.07 -14.66
C LEU B 260 10.74 1.02 -14.44
N GLU B 261 10.75 1.99 -15.35
CA GLU B 261 11.69 3.11 -15.32
C GLU B 261 11.49 4.00 -14.10
N ASN B 262 12.58 4.24 -13.36
CA ASN B 262 12.53 5.08 -12.18
C ASN B 262 13.13 6.44 -12.50
N ARG C 11 14.71 -13.17 17.25
CA ARG C 11 14.12 -12.82 18.57
C ARG C 11 13.95 -11.31 18.68
N HIS C 12 13.00 -10.89 19.52
CA HIS C 12 12.72 -9.48 19.72
C HIS C 12 12.73 -9.17 21.21
N LYS C 13 13.91 -9.31 21.82
CA LYS C 13 14.08 -9.07 23.24
C LYS C 13 13.55 -7.72 23.68
N ILE C 14 13.63 -6.71 22.82
CA ILE C 14 13.14 -5.39 23.17
C ILE C 14 11.62 -5.32 23.19
N LEU C 15 11.00 -5.78 22.15
CA LEU C 15 9.63 -5.75 22.11
C LEU C 15 8.97 -6.64 23.09
N HIS C 16 9.37 -7.85 23.23
CA HIS C 16 8.94 -8.67 24.32
C HIS C 16 8.94 -7.97 25.60
N ARG C 17 10.01 -7.42 25.94
CA ARG C 17 10.16 -6.77 27.24
C ARG C 17 9.23 -5.59 27.41
N LEU C 18 9.12 -4.77 26.38
CA LEU C 18 8.25 -3.60 26.41
C LEU C 18 6.78 -4.00 26.54
N LEU C 19 6.42 -5.11 25.92
CA LEU C 19 5.05 -5.62 25.95
C LEU C 19 4.71 -6.36 27.25
N GLN C 20 5.65 -7.14 27.76
CA GLN C 20 5.42 -7.85 29.01
C GLN C 20 5.31 -6.83 30.14
N GLU C 21 5.95 -5.69 29.93
CA GLU C 21 5.94 -4.59 30.91
C GLU C 21 6.94 -3.52 30.50
N ARG D 11 14.99 7.88 -24.48
CA ARG D 11 13.57 7.80 -24.01
C ARG D 11 12.77 6.88 -24.92
N HIS D 12 11.99 5.99 -24.31
CA HIS D 12 11.18 5.05 -25.08
C HIS D 12 9.95 5.71 -25.69
N LYS D 13 9.47 5.15 -26.78
CA LYS D 13 8.32 5.70 -27.48
C LYS D 13 7.07 4.82 -27.42
N ILE D 14 7.23 3.56 -27.01
CA ILE D 14 6.12 2.62 -26.96
C ILE D 14 4.87 3.03 -26.19
N LEU D 15 5.03 3.46 -24.94
CA LEU D 15 3.88 3.83 -24.15
C LEU D 15 3.10 5.00 -24.78
N HIS D 16 3.82 6.01 -25.28
CA HIS D 16 3.11 7.11 -25.91
C HIS D 16 2.40 6.64 -27.17
N ARG D 17 3.02 5.71 -27.91
CA ARG D 17 2.39 5.19 -29.11
C ARG D 17 1.09 4.46 -28.74
N LEU D 18 1.13 3.67 -27.67
CA LEU D 18 -0.07 2.95 -27.21
C LEU D 18 -1.20 3.91 -26.86
N LEU D 19 -0.93 4.95 -26.14
CA LEU D 19 -1.84 5.97 -25.82
C LEU D 19 -2.38 6.64 -27.07
N GLN D 20 -1.62 6.93 -28.03
CA GLN D 20 -2.07 7.65 -29.14
C GLN D 20 -2.82 6.76 -30.05
N GLU D 21 -2.34 5.59 -30.35
CA GLU D 21 -3.03 4.55 -31.02
C GLU D 21 -3.39 3.42 -30.28
N GLY D 22 -2.56 2.45 -30.20
CA GLY D 22 -2.95 1.22 -29.57
C GLY D 22 -2.15 0.18 -30.10
C TTB E . 8.29 8.25 9.52
C2 TTB E . 9.50 7.81 10.50
C3 TTB E . 9.78 8.22 11.78
C4 TTB E . 9.32 9.01 12.67
C5 TTB E . 10.33 9.45 13.72
C6 TTB E . 9.94 10.34 14.82
C7 TTB E . 8.50 10.84 14.93
C8 TTB E . 8.07 11.71 15.99
O TTB E . 8.84 12.07 16.79
O1 TTB E . 6.94 12.07 16.03
C9 TTB E . 7.44 10.35 13.83
C10 TTB E . 7.83 9.52 12.80
C11 TTB E . 10.49 6.81 9.97
C12 TTB E . 11.32 5.78 11.02
C13 TTB E . 12.24 4.85 10.55
C14 TTB E . 12.58 4.72 9.05
C15 TTB E . 11.80 5.69 7.98
C16 TTB E . 10.78 6.69 8.53
C17 TTB E . 12.08 5.59 6.41
C18 TTB E . 10.71 5.75 5.55
C19 TTB E . 13.03 6.70 5.94
C20 TTB E . 12.73 4.14 5.98
C21 TTB E . 13.93 3.58 6.95
C22 TTB E . 13.66 3.62 8.57
C23 TTB E . 15.10 3.90 9.29
C24 TTB E . 13.14 2.18 8.98
C TTB F . 2.51 -10.58 -12.50
C2 TTB F . 3.43 -10.27 -13.70
C3 TTB F . 3.16 -10.43 -15.12
C4 TTB F . 2.16 -10.85 -15.84
C5 TTB F . 2.53 -11.47 -17.16
C6 TTB F . 1.47 -12.03 -18.07
C7 TTB F . -0.02 -11.99 -17.66
C8 TTB F . -1.07 -12.56 -18.50
O TTB F . -0.76 -13.09 -19.54
O1 TTB F . -2.18 -12.52 -18.15
C9 TTB F . -0.37 -11.34 -16.31
C10 TTB F . 0.66 -10.80 -15.45
C11 TTB F . 4.81 -9.79 -13.35
C12 TTB F . 5.41 -10.05 -11.90
C13 TTB F . 6.71 -9.68 -11.57
C14 TTB F . 7.69 -8.98 -12.59
C15 TTB F . 7.16 -8.65 -14.05
C16 TTB F . 5.72 -9.08 -14.38
C17 TTB F . 8.07 -7.91 -15.16
C18 TTB F . 8.45 -8.94 -16.30
C19 TTB F . 7.25 -6.63 -15.84
C20 TTB F . 9.44 -7.24 -14.56
C21 TTB F . 10.14 -7.99 -13.24
C22 TTB F . 9.20 -8.63 -12.12
C23 TTB F . 9.16 -7.65 -10.95
C24 TTB F . 9.89 -9.95 -11.63
#